data_7CC4
#
_entry.id   7CC4
#
_cell.length_a   44.150
_cell.length_b   61.596
_cell.length_c   109.937
_cell.angle_alpha   90.000
_cell.angle_beta   90.000
_cell.angle_gamma   90.000
#
_symmetry.space_group_name_H-M   'P 21 21 21'
#
loop_
_entity.id
_entity.type
_entity.pdbx_description
1 polymer 'Cutinase-like enzyme'
2 non-polymer 'SODIUM ION'
3 water water
#
_entity_poly.entity_id   1
_entity_poly.type   'polypeptide(L)'
_entity_poly.pdbx_seq_one_letter_code
;AGCSSYVIINTRGTSEPQGPSVGFRTMNTRIRSAVSGGSEYDTVYPAGIDQNSAQGTANIVAQVKAGLARNPNTCFLLEG
YSQGAAATCNALPQLTGAAFDAVKGVILIGNPEHKPNLACNVDGNGGKTTFSARGISAAFTQGVPSNWVSKTLDICIYGD
GVCDVSSGFGITPQHLTYGYNTNVQTMGANFGIKALQG
;
_entity_poly.pdbx_strand_id   A,B
#
loop_
_chem_comp.id
_chem_comp.type
_chem_comp.name
_chem_comp.formula
NA non-polymer 'SODIUM ION' 'Na 1'
#
# COMPACT_ATOMS: atom_id res chain seq x y z
N GLY A 2 -32.07 -1.04 5.53
CA GLY A 2 -30.59 -0.88 5.59
C GLY A 2 -29.94 -1.91 6.49
N CYS A 3 -28.83 -1.57 7.13
CA CYS A 3 -27.99 -2.51 7.91
C CYS A 3 -28.60 -2.72 9.30
N SER A 4 -28.73 -3.98 9.71
CA SER A 4 -29.20 -4.40 11.07
C SER A 4 -28.01 -4.74 11.96
N SER A 5 -26.84 -4.99 11.35
CA SER A 5 -25.58 -5.32 12.07
C SER A 5 -24.41 -4.67 11.33
N TYR A 6 -23.54 -3.96 12.04
CA TYR A 6 -22.41 -3.23 11.42
C TYR A 6 -21.24 -3.10 12.39
N VAL A 7 -20.06 -2.96 11.82
CA VAL A 7 -18.82 -2.60 12.55
C VAL A 7 -18.33 -1.26 12.00
N ILE A 8 -18.04 -0.34 12.91
CA ILE A 8 -17.23 0.88 12.65
C ILE A 8 -15.76 0.51 12.82
N ILE A 9 -15.03 0.47 11.71
CA ILE A 9 -13.55 0.23 11.77
C ILE A 9 -12.85 1.60 11.85
N ASN A 10 -12.12 1.80 12.93
CA ASN A 10 -11.59 3.12 13.34
C ASN A 10 -10.07 3.04 13.36
N THR A 11 -9.41 3.69 12.41
CA THR A 11 -7.93 3.65 12.28
C THR A 11 -7.35 5.02 12.61
N ARG A 12 -6.61 5.06 13.72
CA ARG A 12 -6.16 6.30 14.42
C ARG A 12 -4.91 6.92 13.78
N GLY A 13 -4.61 8.14 14.20
CA GLY A 13 -3.49 8.96 13.72
C GLY A 13 -2.21 8.62 14.46
N THR A 14 -1.09 8.98 13.87
CA THR A 14 0.26 8.84 14.45
C THR A 14 0.26 9.25 15.93
N SER A 15 0.77 8.36 16.81
CA SER A 15 1.10 8.64 18.22
C SER A 15 -0.15 8.63 19.09
N GLU A 16 -1.34 8.46 18.53
CA GLU A 16 -2.55 8.21 19.35
C GLU A 16 -2.34 6.86 20.04
N PRO A 17 -2.63 6.71 21.35
CA PRO A 17 -2.59 5.40 21.99
C PRO A 17 -3.58 4.43 21.34
N GLN A 18 -3.24 3.13 21.38
CA GLN A 18 -4.12 2.03 20.89
C GLN A 18 -5.45 2.17 21.64
N GLY A 19 -6.52 2.37 20.88
CA GLY A 19 -7.81 2.77 21.41
C GLY A 19 -8.53 3.59 20.35
N PRO A 20 -9.76 4.06 20.62
CA PRO A 20 -10.48 4.90 19.67
C PRO A 20 -9.68 6.17 19.34
N SER A 21 -9.71 6.59 18.07
CA SER A 21 -9.06 7.87 17.65
C SER A 21 -9.80 9.02 18.35
N VAL A 22 -9.13 10.15 18.60
CA VAL A 22 -9.85 11.40 19.01
C VAL A 22 -10.78 11.84 17.88
N GLY A 23 -10.54 11.41 16.64
CA GLY A 23 -11.14 12.04 15.44
C GLY A 23 -12.64 11.82 15.31
N PHE A 24 -13.21 10.74 15.85
CA PHE A 24 -14.58 10.32 15.48
C PHE A 24 -15.47 9.96 16.68
N ARG A 25 -15.10 10.35 17.90
CA ARG A 25 -15.85 9.87 19.10
C ARG A 25 -17.25 10.47 19.12
N THR A 26 -17.40 11.78 18.89
CA THR A 26 -18.73 12.45 18.90
C THR A 26 -19.62 11.85 17.82
N MET A 27 -19.15 11.79 16.56
CA MET A 27 -19.98 11.29 15.45
C MET A 27 -20.31 9.81 15.71
N ASN A 28 -19.38 9.07 16.34
CA ASN A 28 -19.60 7.61 16.57
C ASN A 28 -20.69 7.44 17.62
N THR A 29 -20.72 8.28 18.66
CA THR A 29 -21.77 8.20 19.71
C THR A 29 -23.12 8.38 19.00
N ARG A 30 -23.24 9.35 18.09
CA ARG A 30 -24.50 9.72 17.42
C ARG A 30 -24.90 8.57 16.47
N ILE A 31 -23.99 8.05 15.62
CA ILE A 31 -24.27 6.92 14.69
C ILE A 31 -24.75 5.69 15.47
N ARG A 32 -24.06 5.34 16.55
CA ARG A 32 -24.33 4.15 17.41
C ARG A 32 -25.72 4.31 18.03
N SER A 33 -26.11 5.52 18.45
CA SER A 33 -27.47 5.79 19.00
C SER A 33 -28.52 5.74 17.90
N ALA A 34 -28.19 6.18 16.68
CA ALA A 34 -29.12 6.29 15.54
C ALA A 34 -29.37 4.92 14.94
N VAL A 35 -28.35 4.08 14.83
CA VAL A 35 -28.41 2.75 14.12
C VAL A 35 -28.03 1.66 15.12
N SER A 36 -28.98 0.76 15.39
CA SER A 36 -28.79 -0.34 16.36
C SER A 36 -28.00 -1.48 15.70
N GLY A 37 -27.40 -2.32 16.55
CA GLY A 37 -26.66 -3.52 16.12
C GLY A 37 -25.25 -3.18 15.72
N GLY A 38 -24.72 -2.04 16.19
CA GLY A 38 -23.34 -1.60 15.88
C GLY A 38 -22.32 -2.09 16.89
N SER A 39 -21.05 -2.13 16.47
CA SER A 39 -19.87 -2.36 17.32
C SER A 39 -18.71 -1.61 16.67
N GLU A 40 -17.58 -1.51 17.37
CA GLU A 40 -16.39 -0.74 16.90
C GLU A 40 -15.18 -1.65 16.94
N TYR A 41 -14.38 -1.60 15.87
CA TYR A 41 -13.03 -2.20 15.86
C TYR A 41 -12.02 -1.06 15.77
N ASP A 42 -11.19 -0.92 16.81
CA ASP A 42 -10.06 0.03 16.80
C ASP A 42 -8.86 -0.70 16.20
N THR A 43 -8.54 -0.40 14.95
CA THR A 43 -7.51 -1.10 14.16
C THR A 43 -6.23 -1.22 15.01
N VAL A 44 -5.80 -2.46 15.17
CA VAL A 44 -4.54 -2.81 15.91
C VAL A 44 -3.39 -2.55 14.95
N TYR A 45 -2.57 -1.54 15.24
CA TYR A 45 -1.26 -1.26 14.57
C TYR A 45 -0.53 -0.25 15.43
N PRO A 46 0.79 -0.03 15.21
CA PRO A 46 1.57 0.82 16.10
C PRO A 46 1.21 2.32 16.02
N ALA A 47 0.62 2.79 14.93
CA ALA A 47 0.48 4.26 14.71
C ALA A 47 1.80 4.96 15.07
N GLY A 48 2.89 4.44 14.51
CA GLY A 48 4.27 4.80 14.87
C GLY A 48 4.72 6.02 14.14
N ILE A 49 5.68 6.74 14.72
CA ILE A 49 6.24 7.98 14.13
C ILE A 49 6.88 7.69 12.77
N ASP A 50 7.21 6.44 12.46
CA ASP A 50 7.88 6.09 11.18
C ASP A 50 6.85 6.04 10.05
N GLN A 51 5.56 6.17 10.38
CA GLN A 51 4.47 6.33 9.38
C GLN A 51 4.32 5.04 8.55
N ASN A 52 4.80 3.91 9.05
CA ASN A 52 4.58 2.59 8.40
C ASN A 52 3.22 2.03 8.85
N SER A 53 2.17 2.14 8.02
CA SER A 53 0.78 1.75 8.37
C SER A 53 0.40 0.39 7.76
N ALA A 54 1.35 -0.38 7.23
CA ALA A 54 1.04 -1.63 6.51
C ALA A 54 0.26 -2.59 7.43
N GLN A 55 0.57 -2.66 8.71
CA GLN A 55 -0.16 -3.60 9.60
C GLN A 55 -1.57 -3.06 9.81
N GLY A 56 -1.73 -1.72 9.81
CA GLY A 56 -3.05 -1.07 9.88
C GLY A 56 -3.93 -1.49 8.72
N THR A 57 -3.44 -1.34 7.48
CA THR A 57 -4.19 -1.72 6.25
C THR A 57 -4.55 -3.21 6.34
N ALA A 58 -3.55 -4.05 6.67
CA ALA A 58 -3.70 -5.52 6.79
C ALA A 58 -4.86 -5.84 7.75
N ASN A 59 -4.93 -5.22 8.93
CA ASN A 59 -6.00 -5.53 9.93
C ASN A 59 -7.35 -4.92 9.55
N ILE A 60 -7.39 -3.81 8.80
CA ILE A 60 -8.69 -3.30 8.26
C ILE A 60 -9.27 -4.34 7.30
N VAL A 61 -8.46 -4.81 6.35
CA VAL A 61 -8.88 -5.81 5.33
C VAL A 61 -9.29 -7.11 6.05
N ALA A 62 -8.46 -7.57 6.99
CA ALA A 62 -8.68 -8.82 7.74
C ALA A 62 -10.00 -8.71 8.49
N GLN A 63 -10.33 -7.53 9.04
CA GLN A 63 -11.50 -7.39 9.94
C GLN A 63 -12.77 -7.40 9.08
N VAL A 64 -12.74 -6.75 7.92
CA VAL A 64 -13.89 -6.77 6.98
C VAL A 64 -14.15 -8.22 6.55
N LYS A 65 -13.10 -8.89 6.09
CA LYS A 65 -13.12 -10.27 5.54
C LYS A 65 -13.56 -11.21 6.66
N ALA A 66 -13.06 -11.05 7.88
CA ALA A 66 -13.49 -11.86 9.05
C ALA A 66 -14.95 -11.56 9.41
N GLY A 67 -15.34 -10.28 9.44
CA GLY A 67 -16.73 -9.90 9.73
C GLY A 67 -17.70 -10.55 8.75
N LEU A 68 -17.36 -10.58 7.46
CA LEU A 68 -18.25 -11.13 6.40
C LEU A 68 -18.31 -12.66 6.52
N ALA A 69 -17.16 -13.33 6.72
CA ALA A 69 -17.10 -14.80 6.93
C ALA A 69 -18.00 -15.21 8.12
N ARG A 70 -17.97 -14.44 9.22
CA ARG A 70 -18.81 -14.64 10.44
C ARG A 70 -20.29 -14.40 10.13
N ASN A 71 -20.59 -13.38 9.35
CA ASN A 71 -22.00 -13.03 9.08
C ASN A 71 -22.05 -12.15 7.83
N PRO A 72 -22.48 -12.69 6.67
CA PRO A 72 -22.45 -11.88 5.44
C PRO A 72 -23.44 -10.71 5.46
N ASN A 73 -24.32 -10.58 6.46
CA ASN A 73 -25.22 -9.40 6.63
C ASN A 73 -24.43 -8.18 7.12
N THR A 74 -23.25 -8.36 7.71
CA THR A 74 -22.49 -7.30 8.40
C THR A 74 -22.15 -6.18 7.41
N CYS A 75 -22.49 -4.94 7.77
CA CYS A 75 -22.03 -3.71 7.08
C CYS A 75 -20.82 -3.12 7.81
N PHE A 76 -20.11 -2.20 7.17
CA PHE A 76 -18.91 -1.53 7.70
C PHE A 76 -18.96 -0.03 7.36
N LEU A 77 -18.51 0.79 8.31
CA LEU A 77 -17.99 2.15 8.06
C LEU A 77 -16.50 2.09 8.35
N LEU A 78 -15.66 2.57 7.41
CA LEU A 78 -14.22 2.75 7.66
C LEU A 78 -13.98 4.22 8.00
N GLU A 79 -13.29 4.47 9.10
CA GLU A 79 -12.90 5.83 9.54
C GLU A 79 -11.38 5.85 9.67
N GLY A 80 -10.75 6.88 9.09
CA GLY A 80 -9.29 7.03 9.08
C GLY A 80 -8.90 8.47 9.33
N TYR A 81 -7.95 8.68 10.25
CA TYR A 81 -7.39 10.02 10.59
C TYR A 81 -5.88 9.98 10.40
N SER A 82 -5.33 10.95 9.67
CA SER A 82 -3.85 11.06 9.63
C SER A 82 -3.28 9.76 9.04
N GLN A 83 -2.26 9.17 9.67
CA GLN A 83 -1.66 7.89 9.22
C GLN A 83 -2.75 6.84 8.99
N GLY A 84 -3.80 6.85 9.81
CA GLY A 84 -4.93 5.92 9.68
C GLY A 84 -5.76 6.15 8.43
N ALA A 85 -5.82 7.39 7.94
CA ALA A 85 -6.53 7.72 6.69
C ALA A 85 -5.74 7.15 5.50
N ALA A 86 -4.40 7.17 5.56
CA ALA A 86 -3.52 6.53 4.57
C ALA A 86 -3.72 5.00 4.62
N ALA A 87 -3.72 4.41 5.81
CA ALA A 87 -4.00 2.97 6.01
C ALA A 87 -5.33 2.62 5.34
N THR A 88 -6.35 3.45 5.54
CA THR A 88 -7.73 3.18 5.10
C THR A 88 -7.73 3.25 3.57
N CYS A 89 -7.12 4.30 3.02
CA CYS A 89 -7.03 4.46 1.53
C CYS A 89 -6.40 3.21 0.90
N ASN A 90 -5.33 2.68 1.49
CA ASN A 90 -4.58 1.53 0.94
C ASN A 90 -5.40 0.25 1.03
N ALA A 91 -6.37 0.17 1.94
CA ALA A 91 -7.21 -1.03 2.15
C ALA A 91 -8.23 -1.14 1.02
N LEU A 92 -8.68 0.00 0.50
CA LEU A 92 -9.87 0.06 -0.41
C LEU A 92 -9.64 -0.85 -1.64
N PRO A 93 -8.49 -0.83 -2.35
CA PRO A 93 -8.36 -1.60 -3.57
C PRO A 93 -8.39 -3.11 -3.27
N GLN A 94 -8.07 -3.49 -2.02
CA GLN A 94 -8.11 -4.90 -1.56
C GLN A 94 -9.51 -5.33 -1.17
N LEU A 95 -10.48 -4.43 -1.12
CA LEU A 95 -11.86 -4.80 -0.74
C LEU A 95 -12.71 -4.76 -2.01
N THR A 96 -12.90 -5.93 -2.61
CA THR A 96 -13.63 -6.10 -3.90
C THR A 96 -14.84 -6.98 -3.63
N GLY A 97 -15.78 -7.02 -4.59
CA GLY A 97 -16.95 -7.90 -4.55
C GLY A 97 -17.75 -7.68 -3.28
N ALA A 98 -18.05 -8.75 -2.53
CA ALA A 98 -18.89 -8.74 -1.31
C ALA A 98 -18.33 -7.72 -0.32
N ALA A 99 -17.02 -7.73 -0.13
CA ALA A 99 -16.28 -6.86 0.81
C ALA A 99 -16.49 -5.40 0.38
N PHE A 100 -16.36 -5.11 -0.90
CA PHE A 100 -16.69 -3.78 -1.47
C PHE A 100 -18.11 -3.40 -1.08
N ASP A 101 -19.10 -4.26 -1.39
CA ASP A 101 -20.55 -3.95 -1.22
C ASP A 101 -20.88 -3.77 0.27
N ALA A 102 -20.20 -4.47 1.17
CA ALA A 102 -20.48 -4.43 2.63
C ALA A 102 -20.02 -3.09 3.24
N VAL A 103 -18.90 -2.54 2.75
CA VAL A 103 -18.45 -1.22 3.27
C VAL A 103 -19.39 -0.16 2.68
N LYS A 104 -20.29 0.38 3.50
CA LYS A 104 -21.30 1.38 3.09
C LYS A 104 -20.73 2.79 3.07
N GLY A 105 -19.71 3.10 3.85
CA GLY A 105 -19.16 4.47 3.85
C GLY A 105 -17.75 4.50 4.38
N VAL A 106 -16.99 5.49 3.93
CA VAL A 106 -15.58 5.76 4.32
C VAL A 106 -15.55 7.22 4.73
N ILE A 107 -15.05 7.48 5.92
CA ILE A 107 -14.93 8.84 6.48
C ILE A 107 -13.45 9.06 6.77
N LEU A 108 -12.87 10.05 6.10
CA LEU A 108 -11.43 10.36 6.25
C LEU A 108 -11.31 11.79 6.78
N ILE A 109 -10.34 12.04 7.63
CA ILE A 109 -9.98 13.40 8.14
C ILE A 109 -8.44 13.48 8.11
N GLY A 110 -7.90 14.64 7.75
CA GLY A 110 -6.44 14.86 7.73
C GLY A 110 -5.74 13.79 6.92
N ASN A 111 -6.25 13.52 5.72
CA ASN A 111 -5.79 12.41 4.87
C ASN A 111 -4.49 12.82 4.18
N PRO A 112 -3.34 12.19 4.51
CA PRO A 112 -2.09 12.43 3.78
C PRO A 112 -2.18 12.16 2.28
N GLU A 113 -3.13 11.31 1.87
CA GLU A 113 -3.29 10.89 0.45
C GLU A 113 -4.43 11.68 -0.18
N HIS A 114 -4.85 12.78 0.42
CA HIS A 114 -5.90 13.66 -0.14
C HIS A 114 -5.55 13.93 -1.61
N LYS A 115 -6.48 13.68 -2.52
CA LYS A 115 -6.30 13.86 -3.99
C LYS A 115 -7.17 15.03 -4.45
N PRO A 116 -6.67 15.85 -5.42
CA PRO A 116 -7.40 17.00 -5.94
C PRO A 116 -8.70 16.57 -6.65
N ASN A 117 -9.77 17.30 -6.35
CA ASN A 117 -11.01 17.43 -7.13
C ASN A 117 -11.92 16.19 -7.05
N LEU A 118 -11.71 15.28 -6.09
CA LEU A 118 -12.62 14.12 -5.86
C LEU A 118 -13.93 14.65 -5.27
N ALA A 119 -15.06 14.13 -5.76
CA ALA A 119 -16.42 14.54 -5.32
C ALA A 119 -16.58 14.33 -3.80
N CYS A 120 -15.74 13.48 -3.19
CA CYS A 120 -15.83 13.18 -1.74
C CYS A 120 -15.15 14.29 -0.93
N ASN A 121 -14.43 15.20 -1.58
CA ASN A 121 -13.59 16.20 -0.87
C ASN A 121 -14.47 17.32 -0.31
N VAL A 122 -14.42 17.57 1.00
CA VAL A 122 -15.04 18.78 1.62
C VAL A 122 -14.08 19.35 2.65
N ASP A 123 -14.32 20.60 3.05
CA ASP A 123 -13.53 21.29 4.10
C ASP A 123 -14.34 21.16 5.40
N GLY A 124 -13.89 21.79 6.48
CA GLY A 124 -14.49 21.63 7.82
C GLY A 124 -15.94 22.09 7.87
N ASN A 125 -16.38 22.92 6.91
CA ASN A 125 -17.74 23.50 6.82
C ASN A 125 -18.60 22.80 5.75
N GLY A 126 -18.08 21.81 5.05
CA GLY A 126 -18.80 21.20 3.92
C GLY A 126 -18.54 21.93 2.61
N GLY A 127 -17.66 22.94 2.59
CA GLY A 127 -17.40 23.76 1.40
C GLY A 127 -16.22 23.26 0.58
N LYS A 128 -15.69 24.10 -0.32
CA LYS A 128 -14.73 23.72 -1.38
C LYS A 128 -13.34 24.31 -1.14
N THR A 129 -13.00 24.79 0.07
CA THR A 129 -11.75 25.59 0.24
C THR A 129 -10.52 24.66 0.19
N THR A 130 -10.70 23.35 0.29
CA THR A 130 -9.62 22.31 0.16
C THR A 130 -9.98 21.29 -0.93
N PHE A 131 -10.89 21.66 -1.85
CA PHE A 131 -11.41 20.74 -2.89
C PHE A 131 -10.29 20.27 -3.83
N SER A 132 -9.41 21.17 -4.28
CA SER A 132 -8.31 20.81 -5.20
C SER A 132 -7.00 20.54 -4.43
N ALA A 133 -7.05 20.34 -3.10
CA ALA A 133 -5.85 20.15 -2.26
C ALA A 133 -5.15 18.80 -2.51
N ARG A 134 -3.81 18.82 -2.43
CA ARG A 134 -2.93 17.62 -2.46
C ARG A 134 -2.42 17.37 -1.05
N GLY A 135 -2.67 16.17 -0.51
CA GLY A 135 -2.03 15.75 0.75
C GLY A 135 -0.51 15.70 0.65
N ILE A 136 0.15 15.65 1.79
CA ILE A 136 1.63 15.64 1.87
C ILE A 136 2.18 14.35 1.23
N SER A 137 1.41 13.27 1.11
CA SER A 137 1.86 12.01 0.46
C SER A 137 1.21 11.82 -0.91
N ALA A 138 0.47 12.79 -1.43
CA ALA A 138 -0.37 12.59 -2.65
C ALA A 138 0.50 12.34 -3.88
N ALA A 139 1.73 12.85 -3.91
CA ALA A 139 2.60 12.69 -5.10
C ALA A 139 2.94 11.21 -5.36
N PHE A 140 2.93 10.37 -4.33
CA PHE A 140 3.44 8.98 -4.46
C PHE A 140 2.44 7.95 -3.90
N THR A 141 1.15 8.28 -3.84
CA THR A 141 0.07 7.38 -3.36
C THR A 141 -1.18 7.56 -4.23
N GLN A 142 -2.13 6.64 -4.10
CA GLN A 142 -3.36 6.59 -4.93
C GLN A 142 -4.52 7.26 -4.20
N GLY A 143 -4.55 7.27 -2.85
CA GLY A 143 -5.72 7.73 -2.08
C GLY A 143 -6.99 7.02 -2.47
N VAL A 144 -8.12 7.72 -2.53
CA VAL A 144 -9.48 7.12 -2.72
C VAL A 144 -9.67 6.72 -4.19
N PRO A 145 -9.80 5.41 -4.49
CA PRO A 145 -10.00 4.98 -5.88
C PRO A 145 -11.37 5.46 -6.39
N SER A 146 -11.51 5.70 -7.70
CA SER A 146 -12.72 6.37 -8.21
C SER A 146 -13.98 5.54 -7.90
N ASN A 147 -13.88 4.22 -7.83
CA ASN A 147 -15.06 3.37 -7.57
C ASN A 147 -15.50 3.49 -6.10
N TRP A 148 -14.70 4.12 -5.23
CA TRP A 148 -15.05 4.37 -3.80
C TRP A 148 -15.57 5.78 -3.57
N VAL A 149 -15.41 6.68 -4.55
CA VAL A 149 -15.60 8.13 -4.29
C VAL A 149 -17.05 8.42 -3.87
N SER A 150 -18.07 7.76 -4.48
CA SER A 150 -19.49 8.08 -4.23
C SER A 150 -19.89 7.72 -2.80
N LYS A 151 -19.11 6.89 -2.09
CA LYS A 151 -19.44 6.50 -0.68
C LYS A 151 -18.29 6.87 0.25
N THR A 152 -17.49 7.87 -0.13
CA THR A 152 -16.42 8.42 0.72
C THR A 152 -16.74 9.88 1.06
N LEU A 153 -16.36 10.30 2.26
CA LEU A 153 -16.32 11.72 2.65
C LEU A 153 -14.89 12.01 3.13
N ASP A 154 -14.15 12.84 2.38
CA ASP A 154 -12.73 13.13 2.73
C ASP A 154 -12.70 14.58 3.22
N ILE A 155 -12.57 14.77 4.52
CA ILE A 155 -12.68 16.09 5.20
C ILE A 155 -11.27 16.61 5.41
N CYS A 156 -10.98 17.78 4.82
CA CYS A 156 -9.68 18.46 4.97
C CYS A 156 -9.93 19.91 5.36
N ILE A 157 -9.59 20.25 6.60
CA ILE A 157 -9.74 21.61 7.16
C ILE A 157 -8.65 22.48 6.53
N TYR A 158 -9.02 23.69 6.07
CA TYR A 158 -8.06 24.63 5.47
C TYR A 158 -7.00 24.96 6.52
N GLY A 159 -5.74 24.82 6.09
CA GLY A 159 -4.55 25.04 6.93
C GLY A 159 -3.95 23.75 7.45
N ASP A 160 -4.64 22.63 7.25
CA ASP A 160 -4.11 21.29 7.60
C ASP A 160 -3.07 20.92 6.53
N GLY A 161 -1.78 21.05 6.87
CA GLY A 161 -0.66 20.78 5.96
C GLY A 161 -0.51 19.31 5.57
N VAL A 162 -1.22 18.41 6.24
CA VAL A 162 -1.15 16.95 5.95
C VAL A 162 -2.05 16.61 4.74
N CYS A 163 -3.23 17.21 4.66
CA CYS A 163 -4.21 16.95 3.56
C CYS A 163 -4.16 18.09 2.53
N ASP A 164 -3.54 19.23 2.85
CA ASP A 164 -3.50 20.39 1.91
C ASP A 164 -2.14 21.07 2.02
N VAL A 165 -1.21 20.71 1.16
CA VAL A 165 0.20 21.19 1.29
C VAL A 165 0.20 22.67 0.94
N SER A 166 -0.82 23.13 0.25
CA SER A 166 -0.87 24.57 -0.15
C SER A 166 -1.23 25.42 1.06
N SER A 167 -1.87 24.88 2.10
CA SER A 167 -2.41 25.73 3.20
C SER A 167 -1.57 25.61 4.48
N GLY A 168 -0.50 24.81 4.46
CA GLY A 168 0.38 24.69 5.63
C GLY A 168 1.48 23.69 5.42
N PHE A 169 2.43 23.68 6.36
CA PHE A 169 3.56 22.73 6.40
C PHE A 169 3.28 21.63 7.42
N GLY A 170 3.04 20.40 6.94
CA GLY A 170 2.98 19.21 7.81
C GLY A 170 1.92 19.34 8.87
N ILE A 171 2.27 18.95 10.09
CA ILE A 171 1.28 18.77 11.20
C ILE A 171 1.05 20.14 11.84
N THR A 172 0.17 20.92 11.23
CA THR A 172 -0.24 22.27 11.68
C THR A 172 -1.29 22.11 12.76
N PRO A 173 -1.56 23.16 13.56
CA PRO A 173 -2.56 23.09 14.63
C PRO A 173 -3.92 22.60 14.11
N GLN A 174 -4.31 23.06 12.92
CA GLN A 174 -5.59 22.72 12.24
C GLN A 174 -5.73 21.19 12.09
N HIS A 175 -4.65 20.46 11.82
CA HIS A 175 -4.67 18.98 11.69
C HIS A 175 -5.22 18.31 12.96
N LEU A 176 -5.12 18.97 14.11
CA LEU A 176 -5.42 18.37 15.43
C LEU A 176 -6.84 18.72 15.90
N THR A 177 -7.63 19.43 15.11
CA THR A 177 -8.89 20.09 15.57
C THR A 177 -10.15 19.30 15.17
N TYR A 178 -10.02 18.21 14.43
CA TYR A 178 -11.21 17.52 13.84
C TYR A 178 -12.16 16.97 14.92
N GLY A 179 -11.62 16.35 15.99
CA GLY A 179 -12.46 15.65 17.00
C GLY A 179 -13.46 16.56 17.68
N TYR A 180 -13.13 17.83 17.87
CA TYR A 180 -13.97 18.82 18.57
C TYR A 180 -14.48 19.90 17.60
N ASN A 181 -14.37 19.69 16.29
CA ASN A 181 -15.02 20.59 15.30
C ASN A 181 -16.47 20.15 15.17
N THR A 182 -17.40 21.03 15.53
CA THR A 182 -18.85 20.69 15.60
C THR A 182 -19.34 20.23 14.23
N ASN A 183 -19.01 21.03 13.21
CA ASN A 183 -19.46 20.77 11.83
C ASN A 183 -18.83 19.47 11.30
N VAL A 184 -17.57 19.18 11.64
CA VAL A 184 -16.96 17.90 11.17
C VAL A 184 -17.77 16.74 11.75
N GLN A 185 -18.07 16.81 13.05
CA GLN A 185 -18.74 15.70 13.77
C GLN A 185 -20.17 15.55 13.21
N THR A 186 -20.85 16.65 12.89
CA THR A 186 -22.26 16.57 12.40
C THR A 186 -22.28 15.93 11.00
N MET A 187 -21.39 16.40 10.12
CA MET A 187 -21.27 15.91 8.72
C MET A 187 -20.93 14.43 8.76
N GLY A 188 -20.00 14.04 9.62
CA GLY A 188 -19.57 12.64 9.74
C GLY A 188 -20.73 11.76 10.17
N ALA A 189 -21.43 12.18 11.24
CA ALA A 189 -22.60 11.47 11.78
C ALA A 189 -23.67 11.35 10.69
N ASN A 190 -24.00 12.47 10.03
CA ASN A 190 -25.05 12.51 8.97
C ASN A 190 -24.67 11.48 7.89
N PHE A 191 -23.42 11.54 7.44
CA PHE A 191 -22.89 10.66 6.38
C PHE A 191 -22.99 9.18 6.79
N GLY A 192 -22.48 8.84 7.97
CA GLY A 192 -22.44 7.46 8.49
C GLY A 192 -23.86 6.86 8.62
N ILE A 193 -24.77 7.58 9.23
CA ILE A 193 -26.18 7.12 9.41
C ILE A 193 -26.80 6.87 8.04
N LYS A 194 -26.67 7.84 7.13
CA LYS A 194 -27.26 7.72 5.76
C LYS A 194 -26.66 6.48 5.10
N ALA A 195 -25.35 6.26 5.24
CA ALA A 195 -24.67 5.10 4.60
C ALA A 195 -25.22 3.76 5.16
N LEU A 196 -25.40 3.67 6.48
CA LEU A 196 -25.90 2.42 7.13
C LEU A 196 -27.41 2.24 6.88
N GLN A 197 -28.17 3.31 6.77
CA GLN A 197 -29.65 3.22 6.68
C GLN A 197 -30.14 3.06 5.24
N GLY A 198 -29.41 3.62 4.26
CA GLY A 198 -29.93 3.89 2.91
C GLY A 198 -30.86 5.11 2.91
N GLY B 2 22.64 10.06 -8.14
CA GLY B 2 22.83 10.31 -9.57
C GLY B 2 21.51 10.61 -10.25
N CYS B 3 20.46 9.83 -9.98
CA CYS B 3 19.23 9.80 -10.83
C CYS B 3 18.34 11.01 -10.52
N SER B 4 18.02 11.81 -11.53
CA SER B 4 17.12 13.00 -11.49
C SER B 4 15.69 12.57 -11.78
N SER B 5 15.53 11.44 -12.49
CA SER B 5 14.26 10.97 -13.09
C SER B 5 14.31 9.44 -13.03
N TYR B 6 13.30 8.79 -12.42
CA TYR B 6 13.26 7.31 -12.33
C TYR B 6 11.83 6.80 -12.31
N VAL B 7 11.70 5.50 -12.60
CA VAL B 7 10.41 4.76 -12.56
C VAL B 7 10.64 3.55 -11.65
N ILE B 8 9.78 3.39 -10.65
CA ILE B 8 9.73 2.12 -9.88
C ILE B 8 8.71 1.19 -10.55
N ILE B 9 9.18 0.10 -11.15
CA ILE B 9 8.29 -0.92 -11.78
C ILE B 9 8.04 -2.03 -10.76
N ASN B 10 6.79 -2.28 -10.38
CA ASN B 10 6.46 -3.33 -9.36
C ASN B 10 5.56 -4.34 -10.05
N THR B 11 5.89 -5.62 -9.89
CA THR B 11 5.16 -6.77 -10.45
C THR B 11 4.64 -7.59 -9.26
N ARG B 12 3.32 -7.75 -9.19
CA ARG B 12 2.60 -8.28 -8.00
C ARG B 12 2.50 -9.81 -8.08
N GLY B 13 2.04 -10.38 -6.96
CA GLY B 13 1.83 -11.83 -6.76
C GLY B 13 0.38 -12.21 -7.02
N THR B 14 0.12 -13.51 -7.18
CA THR B 14 -1.03 -14.04 -7.97
C THR B 14 -2.37 -13.60 -7.38
N SER B 15 -2.48 -13.40 -6.07
CA SER B 15 -3.81 -13.10 -5.48
C SER B 15 -4.06 -11.58 -5.43
N GLU B 16 -3.09 -10.73 -5.77
CA GLU B 16 -3.23 -9.26 -5.60
C GLU B 16 -3.98 -8.65 -6.79
N PRO B 17 -4.81 -7.60 -6.56
CA PRO B 17 -5.51 -6.95 -7.66
C PRO B 17 -4.59 -6.17 -8.61
N GLN B 18 -5.01 -6.00 -9.86
CA GLN B 18 -4.25 -5.20 -10.85
C GLN B 18 -4.09 -3.79 -10.28
N GLY B 19 -2.88 -3.41 -9.92
CA GLY B 19 -2.63 -2.22 -9.10
C GLY B 19 -1.32 -2.39 -8.34
N PRO B 20 -0.86 -1.37 -7.59
CA PRO B 20 0.43 -1.47 -6.91
C PRO B 20 0.44 -2.70 -5.99
N SER B 21 1.55 -3.41 -5.94
CA SER B 21 1.69 -4.59 -5.05
C SER B 21 1.90 -4.06 -3.63
N VAL B 22 1.17 -4.58 -2.65
CA VAL B 22 1.26 -4.08 -1.27
C VAL B 22 2.62 -4.46 -0.68
N GLY B 23 3.26 -5.51 -1.21
CA GLY B 23 4.60 -5.90 -0.75
C GLY B 23 5.60 -4.74 -0.71
N PHE B 24 5.42 -3.69 -1.53
CA PHE B 24 6.41 -2.61 -1.75
C PHE B 24 5.87 -1.26 -1.27
N ARG B 25 4.68 -1.26 -0.66
CA ARG B 25 4.00 0.04 -0.44
C ARG B 25 4.88 0.92 0.45
N THR B 26 5.32 0.43 1.59
CA THR B 26 6.03 1.30 2.58
C THR B 26 7.38 1.70 1.99
N MET B 27 8.17 0.73 1.55
CA MET B 27 9.49 1.06 0.98
C MET B 27 9.33 2.06 -0.16
N ASN B 28 8.29 1.98 -1.00
CA ASN B 28 8.16 2.93 -2.14
C ASN B 28 7.84 4.34 -1.61
N THR B 29 7.03 4.48 -0.57
CA THR B 29 6.73 5.83 -0.02
C THR B 29 8.05 6.49 0.41
N ARG B 30 8.97 5.72 1.01
CA ARG B 30 10.25 6.24 1.53
C ARG B 30 11.22 6.59 0.38
N ILE B 31 11.31 5.68 -0.60
CA ILE B 31 12.13 5.93 -1.83
C ILE B 31 11.63 7.22 -2.49
N ARG B 32 10.33 7.32 -2.74
CA ARG B 32 9.73 8.49 -3.44
C ARG B 32 9.91 9.76 -2.59
N SER B 33 9.82 9.66 -1.26
CA SER B 33 10.04 10.82 -0.37
C SER B 33 11.48 11.31 -0.45
N ALA B 34 12.46 10.41 -0.47
CA ALA B 34 13.91 10.74 -0.37
C ALA B 34 14.49 11.17 -1.73
N VAL B 35 13.97 10.67 -2.86
CA VAL B 35 14.58 10.86 -4.21
C VAL B 35 13.50 11.43 -5.15
N SER B 36 13.67 12.70 -5.52
CA SER B 36 12.72 13.43 -6.38
C SER B 36 12.82 12.92 -7.81
N GLY B 37 11.79 13.16 -8.60
CA GLY B 37 11.75 12.82 -10.04
C GLY B 37 11.27 11.39 -10.27
N GLY B 38 10.63 10.77 -9.28
CA GLY B 38 10.14 9.39 -9.33
C GLY B 38 8.74 9.27 -9.88
N SER B 39 8.44 8.15 -10.52
CA SER B 39 7.07 7.73 -10.89
C SER B 39 6.99 6.21 -10.77
N GLU B 40 5.80 5.64 -10.97
CA GLU B 40 5.64 4.19 -10.74
C GLU B 40 4.85 3.56 -11.88
N TYR B 41 5.15 2.30 -12.18
CA TYR B 41 4.38 1.50 -13.14
C TYR B 41 3.99 0.22 -12.41
N ASP B 42 2.71 -0.12 -12.45
CA ASP B 42 2.17 -1.40 -11.91
C ASP B 42 2.08 -2.37 -13.10
N THR B 43 2.93 -3.39 -13.13
CA THR B 43 3.04 -4.29 -14.29
C THR B 43 1.66 -4.89 -14.57
N VAL B 44 1.20 -4.72 -15.81
CA VAL B 44 -0.09 -5.32 -16.22
C VAL B 44 0.15 -6.77 -16.63
N TYR B 45 -0.54 -7.67 -15.96
CA TYR B 45 -0.57 -9.10 -16.32
C TYR B 45 -1.63 -9.77 -15.44
N PRO B 46 -2.24 -10.88 -15.92
CA PRO B 46 -3.33 -11.54 -15.20
C PRO B 46 -2.77 -12.47 -14.14
N ALA B 47 -2.17 -11.89 -13.10
CA ALA B 47 -1.60 -12.59 -11.93
C ALA B 47 -2.68 -13.50 -11.35
N GLY B 48 -2.35 -14.79 -11.24
CA GLY B 48 -3.22 -15.81 -10.62
C GLY B 48 -4.37 -16.22 -11.52
N ILE B 49 -4.61 -15.48 -12.62
CA ILE B 49 -5.63 -15.81 -13.65
C ILE B 49 -4.98 -16.54 -14.83
N ASP B 50 -3.81 -16.07 -15.28
CA ASP B 50 -3.15 -16.54 -16.52
C ASP B 50 -2.44 -17.87 -16.25
N GLN B 51 -2.05 -18.54 -17.33
CA GLN B 51 -1.30 -19.82 -17.36
C GLN B 51 0.17 -19.58 -17.00
N ASN B 52 0.62 -18.32 -17.02
CA ASN B 52 2.02 -17.90 -16.73
C ASN B 52 2.13 -16.36 -16.73
N SER B 53 3.34 -15.83 -16.50
CA SER B 53 3.60 -14.38 -16.31
C SER B 53 4.41 -13.76 -17.47
N ALA B 54 4.40 -14.37 -18.66
CA ALA B 54 5.11 -13.90 -19.87
C ALA B 54 4.67 -12.47 -20.25
N GLN B 55 3.41 -12.14 -20.02
CA GLN B 55 2.83 -10.80 -20.33
C GLN B 55 3.44 -9.78 -19.36
N GLY B 56 3.59 -10.17 -18.08
CA GLY B 56 4.30 -9.37 -17.06
C GLY B 56 5.73 -9.07 -17.49
N THR B 57 6.47 -10.11 -17.87
CA THR B 57 7.86 -9.95 -18.38
C THR B 57 7.83 -8.95 -19.54
N ALA B 58 6.95 -9.13 -20.53
CA ALA B 58 6.91 -8.30 -21.75
C ALA B 58 6.73 -6.82 -21.36
N ASN B 59 5.85 -6.57 -20.38
CA ASN B 59 5.49 -5.20 -19.96
C ASN B 59 6.62 -4.59 -19.13
N ILE B 60 7.36 -5.40 -18.33
CA ILE B 60 8.54 -4.88 -17.60
C ILE B 60 9.52 -4.31 -18.64
N VAL B 61 9.85 -5.14 -19.64
CA VAL B 61 10.86 -4.79 -20.66
C VAL B 61 10.36 -3.58 -21.47
N ALA B 62 9.09 -3.58 -21.90
CA ALA B 62 8.52 -2.46 -22.70
C ALA B 62 8.57 -1.16 -21.90
N GLN B 63 8.32 -1.19 -20.59
CA GLN B 63 8.26 0.09 -19.83
C GLN B 63 9.66 0.62 -19.60
N VAL B 64 10.65 -0.25 -19.40
CA VAL B 64 12.05 0.21 -19.33
C VAL B 64 12.43 0.86 -20.67
N LYS B 65 12.16 0.23 -21.81
CA LYS B 65 12.53 0.78 -23.16
C LYS B 65 11.75 2.07 -23.44
N ALA B 66 10.46 2.13 -23.08
CA ALA B 66 9.60 3.31 -23.28
C ALA B 66 10.16 4.49 -22.47
N GLY B 67 10.49 4.27 -21.20
CA GLY B 67 11.08 5.31 -20.33
C GLY B 67 12.40 5.82 -20.89
N LEU B 68 13.27 4.92 -21.35
CA LEU B 68 14.56 5.32 -21.99
C LEU B 68 14.32 6.10 -23.28
N ALA B 69 13.32 5.74 -24.09
CA ALA B 69 12.94 6.50 -25.30
C ALA B 69 12.51 7.93 -24.95
N ARG B 70 11.72 8.10 -23.89
CA ARG B 70 11.26 9.41 -23.36
C ARG B 70 12.47 10.21 -22.88
N ASN B 71 13.37 9.57 -22.14
CA ASN B 71 14.50 10.25 -21.46
C ASN B 71 15.58 9.21 -21.22
N PRO B 72 16.70 9.29 -21.96
CA PRO B 72 17.73 8.26 -21.90
C PRO B 72 18.50 8.26 -20.56
N ASN B 73 18.28 9.26 -19.72
CA ASN B 73 18.88 9.32 -18.36
C ASN B 73 17.94 8.76 -17.31
N THR B 74 16.75 8.27 -17.69
CA THR B 74 15.77 7.65 -16.75
C THR B 74 16.42 6.45 -16.05
N CYS B 75 16.32 6.37 -14.72
CA CYS B 75 16.75 5.20 -13.94
C CYS B 75 15.51 4.36 -13.59
N PHE B 76 15.72 3.10 -13.25
CA PHE B 76 14.64 2.18 -12.84
C PHE B 76 15.04 1.39 -11.61
N LEU B 77 14.06 1.15 -10.75
CA LEU B 77 14.07 0.03 -9.77
C LEU B 77 13.04 -0.98 -10.27
N LEU B 78 13.39 -2.25 -10.33
CA LEU B 78 12.43 -3.33 -10.61
C LEU B 78 12.12 -4.03 -9.29
N GLU B 79 10.84 -4.22 -9.01
CA GLU B 79 10.35 -4.88 -7.78
C GLU B 79 9.46 -6.04 -8.21
N GLY B 80 9.59 -7.20 -7.56
CA GLY B 80 8.75 -8.38 -7.83
C GLY B 80 8.42 -9.16 -6.59
N TYR B 81 7.15 -9.47 -6.40
CA TYR B 81 6.66 -10.33 -5.30
C TYR B 81 6.13 -11.62 -5.90
N SER B 82 6.61 -12.75 -5.40
CA SER B 82 5.99 -14.07 -5.66
C SER B 82 6.03 -14.31 -7.18
N GLN B 83 4.94 -14.66 -7.88
CA GLN B 83 5.02 -14.87 -9.36
C GLN B 83 5.60 -13.63 -10.05
N GLY B 84 5.36 -12.44 -9.51
CA GLY B 84 5.96 -11.17 -9.98
C GLY B 84 7.46 -11.16 -9.89
N ALA B 85 8.03 -11.76 -8.85
CA ALA B 85 9.49 -11.93 -8.70
C ALA B 85 10.01 -12.83 -9.82
N ALA B 86 9.32 -13.95 -10.08
CA ALA B 86 9.67 -14.87 -11.19
C ALA B 86 9.65 -14.08 -12.51
N ALA B 87 8.55 -13.38 -12.80
CA ALA B 87 8.39 -12.54 -14.02
C ALA B 87 9.54 -11.52 -14.13
N THR B 88 9.97 -10.93 -13.02
CA THR B 88 11.10 -9.97 -12.99
C THR B 88 12.40 -10.68 -13.36
N CYS B 89 12.73 -11.79 -12.69
CA CYS B 89 13.89 -12.65 -13.06
C CYS B 89 13.89 -12.96 -14.56
N ASN B 90 12.74 -13.29 -15.16
CA ASN B 90 12.63 -13.66 -16.60
C ASN B 90 12.91 -12.43 -17.50
N ALA B 91 12.66 -11.21 -17.00
CA ALA B 91 12.90 -9.94 -17.72
C ALA B 91 14.40 -9.60 -17.77
N LEU B 92 15.17 -9.95 -16.75
CA LEU B 92 16.55 -9.39 -16.55
C LEU B 92 17.46 -9.68 -17.75
N PRO B 93 17.49 -10.91 -18.32
CA PRO B 93 18.32 -11.16 -19.49
C PRO B 93 17.93 -10.35 -20.75
N GLN B 94 16.67 -9.90 -20.84
CA GLN B 94 16.18 -9.11 -22.01
C GLN B 94 16.64 -7.64 -21.85
N LEU B 95 17.20 -7.30 -20.70
CA LEU B 95 17.64 -5.90 -20.45
C LEU B 95 19.16 -5.84 -20.57
N THR B 96 19.64 -5.40 -21.73
CA THR B 96 21.07 -5.41 -22.10
C THR B 96 21.47 -3.98 -22.44
N GLY B 97 22.78 -3.71 -22.46
CA GLY B 97 23.32 -2.39 -22.82
C GLY B 97 22.70 -1.27 -22.01
N ALA B 98 22.14 -0.26 -22.68
CA ALA B 98 21.60 0.96 -22.04
C ALA B 98 20.48 0.58 -21.05
N ALA B 99 19.72 -0.48 -21.35
CA ALA B 99 18.58 -0.92 -20.51
C ALA B 99 19.13 -1.57 -19.24
N PHE B 100 20.22 -2.33 -19.35
CA PHE B 100 20.92 -2.88 -18.16
C PHE B 100 21.45 -1.73 -17.33
N ASP B 101 22.16 -0.78 -17.94
CA ASP B 101 22.85 0.32 -17.20
C ASP B 101 21.81 1.12 -16.41
N ALA B 102 20.62 1.27 -16.97
CA ALA B 102 19.55 2.15 -16.44
C ALA B 102 18.90 1.51 -15.18
N VAL B 103 18.85 0.18 -15.10
CA VAL B 103 18.21 -0.49 -13.94
C VAL B 103 19.21 -0.45 -12.80
N LYS B 104 18.98 0.39 -11.79
CA LYS B 104 19.96 0.60 -10.70
C LYS B 104 19.80 -0.47 -9.62
N GLY B 105 18.65 -1.11 -9.52
CA GLY B 105 18.36 -2.05 -8.42
C GLY B 105 17.17 -2.92 -8.75
N VAL B 106 17.23 -4.18 -8.32
CA VAL B 106 16.13 -5.19 -8.40
C VAL B 106 15.84 -5.65 -6.97
N ILE B 107 14.60 -5.47 -6.50
CA ILE B 107 14.15 -5.95 -5.17
C ILE B 107 13.13 -7.08 -5.37
N LEU B 108 13.47 -8.29 -4.93
CA LEU B 108 12.56 -9.44 -4.95
C LEU B 108 12.17 -9.81 -3.52
N ILE B 109 10.89 -10.12 -3.32
CA ILE B 109 10.38 -10.71 -2.06
C ILE B 109 9.64 -12.00 -2.40
N GLY B 110 9.81 -13.06 -1.59
CA GLY B 110 9.15 -14.38 -1.81
C GLY B 110 9.35 -14.87 -3.24
N ASN B 111 10.61 -14.88 -3.69
CA ASN B 111 10.99 -15.21 -5.10
C ASN B 111 10.89 -16.69 -5.35
N PRO B 112 9.96 -17.19 -6.22
CA PRO B 112 9.86 -18.62 -6.52
C PRO B 112 11.12 -19.17 -7.20
N GLU B 113 11.88 -18.30 -7.85
CA GLU B 113 13.12 -18.67 -8.58
C GLU B 113 14.33 -18.45 -7.69
N HIS B 114 14.13 -18.37 -6.37
CA HIS B 114 15.22 -18.18 -5.39
C HIS B 114 16.28 -19.24 -5.65
N LYS B 115 17.53 -18.82 -5.72
CA LYS B 115 18.69 -19.68 -6.05
C LYS B 115 19.62 -19.75 -4.84
N PRO B 116 20.17 -20.93 -4.48
CA PRO B 116 21.16 -21.04 -3.40
C PRO B 116 22.41 -20.18 -3.60
N ASN B 117 22.83 -19.51 -2.54
CA ASN B 117 24.23 -19.06 -2.29
C ASN B 117 24.56 -17.86 -3.18
N LEU B 118 23.57 -17.09 -3.62
CA LEU B 118 23.85 -15.82 -4.35
C LEU B 118 23.99 -14.71 -3.32
N ALA B 119 24.94 -13.79 -3.52
CA ALA B 119 25.24 -12.67 -2.60
C ALA B 119 24.04 -11.73 -2.42
N CYS B 120 23.07 -11.75 -3.33
CA CYS B 120 21.86 -10.90 -3.25
C CYS B 120 20.89 -11.43 -2.18
N ASN B 121 21.09 -12.65 -1.71
CA ASN B 121 20.16 -13.39 -0.84
C ASN B 121 20.25 -12.89 0.60
N VAL B 122 19.12 -12.44 1.15
CA VAL B 122 18.99 -12.05 2.58
C VAL B 122 17.62 -12.53 3.07
N ASP B 123 17.51 -12.75 4.37
CA ASP B 123 16.22 -13.04 5.04
C ASP B 123 15.57 -11.71 5.41
N GLY B 124 14.39 -11.78 6.03
CA GLY B 124 13.59 -10.64 6.49
C GLY B 124 14.32 -9.76 7.49
N ASN B 125 15.31 -10.30 8.21
CA ASN B 125 16.18 -9.60 9.18
C ASN B 125 17.56 -9.28 8.55
N GLY B 126 17.72 -9.46 7.24
CA GLY B 126 18.96 -9.09 6.53
C GLY B 126 20.09 -10.07 6.75
N GLY B 127 19.82 -11.20 7.42
CA GLY B 127 20.80 -12.29 7.64
C GLY B 127 20.72 -13.42 6.63
N LYS B 128 21.33 -14.55 6.96
CA LYS B 128 21.63 -15.65 6.01
C LYS B 128 20.83 -16.92 6.31
N THR B 129 19.74 -16.86 7.09
CA THR B 129 18.93 -18.07 7.38
C THR B 129 18.32 -18.68 6.10
N THR B 130 18.25 -17.93 5.00
CA THR B 130 17.71 -18.44 3.70
C THR B 130 18.77 -18.31 2.60
N PHE B 131 20.05 -18.20 2.96
CA PHE B 131 21.14 -17.86 2.00
C PHE B 131 21.25 -18.99 0.98
N SER B 132 21.18 -20.23 1.47
CA SER B 132 21.36 -21.48 0.67
C SER B 132 20.02 -21.98 0.14
N ALA B 133 18.92 -21.24 0.32
CA ALA B 133 17.57 -21.74 0.01
C ALA B 133 17.39 -21.87 -1.52
N ARG B 134 16.67 -22.92 -1.93
CA ARG B 134 16.10 -23.14 -3.29
C ARG B 134 14.62 -22.77 -3.28
N GLY B 135 14.16 -22.01 -4.27
CA GLY B 135 12.73 -21.71 -4.44
C GLY B 135 11.96 -22.85 -5.07
N ILE B 136 10.65 -22.81 -4.93
CA ILE B 136 9.73 -23.84 -5.49
C ILE B 136 9.88 -23.93 -7.02
N SER B 137 10.26 -22.87 -7.71
CA SER B 137 10.39 -22.85 -9.19
C SER B 137 11.85 -22.99 -9.65
N ALA B 138 12.82 -23.03 -8.73
CA ALA B 138 14.25 -22.87 -9.10
C ALA B 138 14.74 -24.01 -10.00
N ALA B 139 14.18 -25.22 -9.90
CA ALA B 139 14.62 -26.42 -10.66
C ALA B 139 14.40 -26.28 -12.18
N PHE B 140 13.54 -25.36 -12.63
CA PHE B 140 13.09 -25.26 -14.04
C PHE B 140 13.49 -23.90 -14.62
N THR B 141 14.13 -23.05 -13.85
CA THR B 141 14.33 -21.63 -14.19
C THR B 141 15.75 -21.24 -13.80
N GLN B 142 16.15 -20.02 -14.14
CA GLN B 142 17.53 -19.51 -13.99
C GLN B 142 17.61 -18.50 -12.84
N GLY B 143 16.47 -17.97 -12.39
CA GLY B 143 16.42 -16.92 -11.36
C GLY B 143 17.29 -15.72 -11.70
N VAL B 144 17.98 -15.17 -10.72
CA VAL B 144 18.75 -13.90 -10.93
C VAL B 144 20.01 -14.25 -11.69
N PRO B 145 20.24 -13.75 -12.92
CA PRO B 145 21.48 -14.07 -13.63
C PRO B 145 22.70 -13.51 -12.90
N SER B 146 23.87 -14.11 -13.16
CA SER B 146 25.12 -13.80 -12.44
C SER B 146 25.47 -12.33 -12.62
N ASN B 147 25.19 -11.72 -13.80
CA ASN B 147 25.51 -10.30 -14.09
C ASN B 147 24.53 -9.34 -13.39
N TRP B 148 23.47 -9.86 -12.75
CA TRP B 148 22.46 -9.05 -12.02
C TRP B 148 22.62 -9.15 -10.49
N VAL B 149 23.34 -10.15 -10.02
CA VAL B 149 23.50 -10.44 -8.56
C VAL B 149 23.91 -9.16 -7.85
N SER B 150 24.87 -8.41 -8.39
CA SER B 150 25.48 -7.28 -7.64
C SER B 150 24.55 -6.06 -7.59
N LYS B 151 23.41 -6.04 -8.29
CA LYS B 151 22.44 -4.93 -8.06
C LYS B 151 21.06 -5.50 -7.72
N THR B 152 21.04 -6.68 -7.09
CA THR B 152 19.78 -7.33 -6.65
C THR B 152 19.79 -7.53 -5.13
N LEU B 153 18.60 -7.42 -4.55
CA LEU B 153 18.32 -7.78 -3.13
C LEU B 153 17.15 -8.75 -3.17
N ASP B 154 17.45 -10.03 -2.91
CA ASP B 154 16.46 -11.12 -2.95
C ASP B 154 16.16 -11.52 -1.52
N ILE B 155 15.01 -11.04 -1.04
CA ILE B 155 14.57 -11.14 0.38
C ILE B 155 13.66 -12.36 0.50
N CYS B 156 14.10 -13.36 1.26
CA CYS B 156 13.31 -14.58 1.52
C CYS B 156 13.13 -14.75 3.03
N ILE B 157 11.90 -14.63 3.50
CA ILE B 157 11.57 -14.75 4.93
C ILE B 157 11.70 -16.22 5.25
N TYR B 158 12.44 -16.54 6.30
CA TYR B 158 12.57 -17.94 6.78
C TYR B 158 11.17 -18.49 7.07
N GLY B 159 10.86 -19.64 6.47
CA GLY B 159 9.55 -20.30 6.61
C GLY B 159 8.69 -20.05 5.40
N ASP B 160 9.12 -19.19 4.48
CA ASP B 160 8.43 -18.95 3.18
C ASP B 160 8.76 -20.12 2.25
N GLY B 161 7.79 -21.02 2.05
CA GLY B 161 7.93 -22.21 1.18
C GLY B 161 8.12 -21.86 -0.28
N VAL B 162 7.80 -20.64 -0.69
CA VAL B 162 7.91 -20.22 -2.11
C VAL B 162 9.39 -20.03 -2.49
N CYS B 163 10.18 -19.41 -1.62
CA CYS B 163 11.60 -19.05 -1.88
C CYS B 163 12.54 -19.97 -1.13
N ASP B 164 12.07 -20.76 -0.16
CA ASP B 164 12.88 -21.72 0.64
C ASP B 164 12.10 -23.03 0.86
N VAL B 165 12.28 -23.99 -0.05
CA VAL B 165 11.55 -25.29 0.02
C VAL B 165 12.02 -26.05 1.28
N SER B 166 13.11 -25.65 1.91
CA SER B 166 13.63 -26.38 3.11
C SER B 166 12.87 -25.94 4.36
N SER B 167 12.22 -24.76 4.36
CA SER B 167 11.65 -24.20 5.61
C SER B 167 10.12 -24.11 5.57
N GLY B 168 9.48 -24.50 4.48
CA GLY B 168 8.02 -24.46 4.29
C GLY B 168 7.63 -25.15 2.99
N PHE B 169 6.38 -25.61 2.91
CA PHE B 169 5.84 -26.37 1.76
C PHE B 169 4.81 -25.49 1.07
N GLY B 170 5.15 -25.03 -0.13
CA GLY B 170 4.27 -24.16 -0.97
C GLY B 170 4.05 -22.79 -0.37
N ILE B 171 2.89 -22.21 -0.65
CA ILE B 171 2.50 -20.87 -0.10
C ILE B 171 2.20 -21.09 1.38
N THR B 172 3.12 -20.67 2.25
CA THR B 172 2.96 -20.67 3.71
C THR B 172 2.52 -19.26 4.15
N PRO B 173 1.94 -19.14 5.37
CA PRO B 173 1.56 -17.83 5.92
C PRO B 173 2.72 -16.80 5.88
N GLN B 174 3.94 -17.24 6.18
CA GLN B 174 5.19 -16.43 6.09
C GLN B 174 5.25 -15.69 4.74
N HIS B 175 4.80 -16.32 3.65
CA HIS B 175 4.85 -15.72 2.28
C HIS B 175 4.01 -14.45 2.17
N LEU B 176 3.05 -14.26 3.05
CA LEU B 176 2.05 -13.16 2.96
C LEU B 176 2.44 -12.00 3.87
N THR B 177 3.61 -12.04 4.48
CA THR B 177 3.94 -11.13 5.62
C THR B 177 4.90 -10.02 5.16
N TYR B 178 5.37 -9.99 3.91
CA TYR B 178 6.44 -9.02 3.52
C TYR B 178 5.98 -7.56 3.67
N GLY B 179 4.76 -7.26 3.24
CA GLY B 179 4.21 -5.90 3.27
C GLY B 179 4.29 -5.24 4.64
N TYR B 180 4.01 -6.01 5.71
CA TYR B 180 3.96 -5.46 7.09
C TYR B 180 5.17 -5.95 7.90
N ASN B 181 6.24 -6.38 7.24
CA ASN B 181 7.52 -6.67 7.91
C ASN B 181 8.35 -5.39 7.90
N THR B 182 8.58 -4.80 9.07
CA THR B 182 9.21 -3.45 9.19
C THR B 182 10.62 -3.54 8.59
N ASN B 183 11.38 -4.61 8.86
CA ASN B 183 12.80 -4.66 8.41
C ASN B 183 12.87 -4.90 6.89
N VAL B 184 11.99 -5.73 6.33
CA VAL B 184 11.84 -5.87 4.84
C VAL B 184 11.70 -4.47 4.24
N GLN B 185 10.76 -3.66 4.75
CA GLN B 185 10.44 -2.34 4.18
C GLN B 185 11.62 -1.39 4.39
N THR B 186 12.33 -1.46 5.52
CA THR B 186 13.51 -0.58 5.78
C THR B 186 14.64 -0.96 4.84
N MET B 187 14.92 -2.26 4.74
CA MET B 187 16.01 -2.78 3.86
C MET B 187 15.73 -2.35 2.41
N GLY B 188 14.50 -2.56 1.95
CA GLY B 188 14.07 -2.19 0.59
C GLY B 188 14.26 -0.71 0.35
N ALA B 189 13.78 0.15 1.25
CA ALA B 189 13.88 1.61 1.10
C ALA B 189 15.34 2.01 0.98
N ASN B 190 16.18 1.59 1.94
CA ASN B 190 17.61 1.95 2.03
C ASN B 190 18.32 1.48 0.77
N PHE B 191 18.02 0.27 0.28
CA PHE B 191 18.68 -0.29 -0.93
C PHE B 191 18.28 0.55 -2.16
N GLY B 192 16.99 0.81 -2.32
CA GLY B 192 16.44 1.58 -3.44
C GLY B 192 16.97 3.01 -3.47
N ILE B 193 16.96 3.71 -2.32
CA ILE B 193 17.47 5.12 -2.20
C ILE B 193 18.96 5.14 -2.61
N LYS B 194 19.78 4.24 -2.05
CA LYS B 194 21.25 4.18 -2.36
C LYS B 194 21.47 3.89 -3.84
N ALA B 195 20.68 2.99 -4.43
CA ALA B 195 20.84 2.59 -5.86
C ALA B 195 20.55 3.78 -6.78
N LEU B 196 19.55 4.60 -6.46
CA LEU B 196 19.20 5.79 -7.27
C LEU B 196 20.20 6.92 -7.02
N GLN B 197 20.75 7.05 -5.81
CA GLN B 197 21.64 8.20 -5.46
C GLN B 197 23.09 7.95 -5.89
N GLY B 198 23.51 6.70 -6.11
CA GLY B 198 24.75 6.37 -6.85
C GLY B 198 25.87 5.87 -5.92
NA NA C . 13.33 -13.90 8.23
#